data_5GGD
#
_entry.id   5GGD
#
_cell.length_a   38.950
_cell.length_b   87.600
_cell.length_c   90.530
_cell.angle_alpha   90.00
_cell.angle_beta   100.06
_cell.angle_gamma   90.00
#
_symmetry.space_group_name_H-M   'P 1 21 1'
#
loop_
_entity.id
_entity.type
_entity.pdbx_description
1 polymer 'Hydrolase, NUDIX family protein'
2 non-polymer 'PHOSPHATE ION'
3 non-polymer 'MAGNESIUM ION'
4 water water
#
_entity_poly.entity_id   1
_entity_poly.type   'polypeptide(L)'
_entity_poly.pdbx_seq_one_letter_code
;MGSSHHHHHHSSGLVPRGSHMMPVDDLQEIPLSKDTTEKSKHTVRAAGAVLWRDASEHGGTTGHPATVEVAVIHRPRYDD
WSLPKGKLDQGETEPVAAAREIHEETGHTAVLGRRLGRVTYPIPQGTKRVWYWAAKSTGGDFSPNDEVDKLVWLPVDAAM
DQLQYPDDRKVLRRFVKRPVDTKTVLVVRHGTAGRRSRYKGDDRKRPLDKRGRAQAEALVAQLMAFGATTLYAADRVRCH
QTIEPLAQELDQLIHNEPLLTEEAYAADHKAARKRLLEIAGRPGNPVICTQGKVIPGLIEWWCERAKVRPETTGNRKGST
WVLSLSDGELVGADYLSPPDEK
;
_entity_poly.pdbx_strand_id   A,B
#
# COMPACT_ATOMS: atom_id res chain seq x y z
N HIS A 42 -11.30 11.86 0.15
CA HIS A 42 -10.69 10.95 1.12
C HIS A 42 -11.72 10.60 2.21
N THR A 43 -11.55 9.42 2.78
CA THR A 43 -12.28 9.09 3.97
C THR A 43 -11.27 9.10 5.09
N VAL A 44 -11.50 9.93 6.11
CA VAL A 44 -10.60 9.92 7.29
C VAL A 44 -11.11 8.91 8.29
N ARG A 45 -10.21 8.02 8.74
CA ARG A 45 -10.52 6.96 9.71
C ARG A 45 -10.18 7.38 11.12
N ALA A 46 -11.18 7.21 11.96
CA ALA A 46 -11.06 7.51 13.39
C ALA A 46 -11.66 6.42 14.23
N ALA A 47 -11.43 6.52 15.54
CA ALA A 47 -11.94 5.57 16.47
C ALA A 47 -12.20 6.26 17.80
N GLY A 48 -13.19 5.75 18.52
CA GLY A 48 -13.57 6.27 19.80
C GLY A 48 -14.07 5.25 20.75
N ALA A 49 -14.46 5.71 21.93
CA ALA A 49 -14.93 4.81 22.95
C ALA A 49 -15.93 5.38 23.89
N VAL A 50 -16.71 4.48 24.50
CA VAL A 50 -17.30 4.76 25.85
C VAL A 50 -16.39 4.14 26.89
N LEU A 51 -15.62 4.99 27.54
CA LEU A 51 -14.69 4.58 28.58
C LEU A 51 -15.53 4.49 29.84
N TRP A 52 -15.46 3.38 30.55
CA TRP A 52 -16.34 3.18 31.69
C TRP A 52 -15.52 2.54 32.82
N ARG A 53 -16.08 2.63 34.04
CA ARG A 53 -15.51 1.99 35.25
C ARG A 53 -16.64 1.68 36.24
N ASP A 54 -16.36 0.82 37.22
CA ASP A 54 -17.36 0.41 38.20
C ASP A 54 -17.90 1.56 39.03
N ALA A 55 -19.23 1.68 39.10
CA ALA A 55 -19.88 2.47 40.15
C ALA A 55 -19.10 3.73 40.49
N THR A 67 -24.20 0.43 39.53
CA THR A 67 -24.13 0.75 38.12
C THR A 67 -22.67 1.04 37.70
N VAL A 68 -22.53 1.83 36.63
CA VAL A 68 -21.29 2.01 35.93
C VAL A 68 -21.21 3.51 35.66
N GLU A 69 -20.02 4.06 35.57
CA GLU A 69 -19.83 5.46 35.17
C GLU A 69 -19.07 5.56 33.88
N VAL A 70 -19.37 6.54 33.07
CA VAL A 70 -18.65 6.69 31.82
C VAL A 70 -18.08 8.06 31.76
N ALA A 71 -17.04 8.23 30.95
CA ALA A 71 -16.31 9.44 30.88
C ALA A 71 -16.83 10.32 29.74
N VAL A 72 -17.13 11.58 30.06
CA VAL A 72 -17.50 12.56 29.04
C VAL A 72 -16.48 13.68 29.03
N ILE A 73 -15.96 14.04 27.88
CA ILE A 73 -14.91 15.00 27.85
C ILE A 73 -15.37 16.32 27.36
N HIS A 74 -14.69 17.38 27.82
CA HIS A 74 -14.91 18.71 27.26
C HIS A 74 -13.76 19.21 26.42
N ARG A 75 -14.07 19.71 25.24
CA ARG A 75 -13.06 20.25 24.29
C ARG A 75 -13.25 21.74 24.05
N PRO A 76 -12.20 22.55 24.22
CA PRO A 76 -12.39 24.03 23.97
C PRO A 76 -12.45 24.42 22.52
N ARG A 77 -11.92 23.60 21.62
CA ARG A 77 -12.01 23.97 20.23
C ARG A 77 -13.47 24.23 19.87
N TYR A 78 -14.41 23.43 20.35
CA TYR A 78 -15.83 23.62 20.04
C TYR A 78 -16.69 23.98 21.19
N ASP A 79 -16.09 24.06 22.37
CA ASP A 79 -16.80 24.13 23.67
C ASP A 79 -17.88 23.08 23.75
N ASP A 80 -17.50 21.82 23.57
CA ASP A 80 -18.50 20.77 23.57
C ASP A 80 -18.20 19.65 24.54
N TRP A 81 -19.21 18.83 24.78
CA TRP A 81 -19.13 17.62 25.62
C TRP A 81 -19.40 16.39 24.75
N SER A 82 -18.45 15.46 24.74
CA SER A 82 -18.49 14.33 23.80
C SER A 82 -17.80 13.07 24.35
N LEU A 83 -17.85 11.98 23.58
CA LEU A 83 -17.08 10.78 23.85
C LEU A 83 -15.68 10.91 23.19
N PRO A 84 -14.65 10.45 23.89
CA PRO A 84 -13.32 10.44 23.33
C PRO A 84 -13.27 9.75 21.99
N LYS A 85 -12.57 10.38 21.05
CA LYS A 85 -12.28 9.79 19.72
C LYS A 85 -11.15 10.55 19.10
N GLY A 86 -10.48 9.91 18.19
CA GLY A 86 -9.52 10.57 17.41
C GLY A 86 -9.17 9.78 16.17
N LYS A 87 -8.27 10.40 15.44
CA LYS A 87 -7.85 9.91 14.15
C LYS A 87 -6.76 8.86 14.24
N LEU A 88 -6.81 7.97 13.26
CA LEU A 88 -5.83 6.89 13.19
C LEU A 88 -4.53 7.51 12.70
N ASP A 89 -3.43 7.29 13.40
CA ASP A 89 -2.11 7.66 12.86
C ASP A 89 -1.69 6.64 11.80
N GLN A 90 -0.62 6.94 11.08
CA GLN A 90 -0.12 6.02 10.02
C GLN A 90 0.19 4.61 10.54
N GLY A 91 -0.28 3.60 9.81
CA GLY A 91 -0.06 2.20 10.17
C GLY A 91 -0.86 1.64 11.34
N GLU A 92 -1.78 2.45 11.88
CA GLU A 92 -2.57 2.10 13.06
C GLU A 92 -3.83 1.41 12.61
N THR A 93 -4.42 0.50 13.38
CA THR A 93 -5.82 0.10 13.03
C THR A 93 -6.75 0.73 14.07
N GLU A 94 -8.04 0.65 13.85
CA GLU A 94 -9.00 1.37 14.68
C GLU A 94 -8.86 1.03 16.16
N PRO A 95 -8.73 -0.26 16.53
CA PRO A 95 -8.66 -0.53 17.95
C PRO A 95 -7.51 0.12 18.66
N VAL A 96 -6.37 0.17 17.98
CA VAL A 96 -5.19 0.82 18.49
C VAL A 96 -5.37 2.32 18.63
N ALA A 97 -5.88 2.96 17.58
CA ALA A 97 -6.23 4.35 17.63
C ALA A 97 -7.21 4.69 18.78
N ALA A 98 -8.21 3.84 19.01
CA ALA A 98 -9.08 4.06 20.18
C ALA A 98 -8.38 4.05 21.51
N ALA A 99 -7.52 3.06 21.73
CA ALA A 99 -6.84 2.95 23.01
C ALA A 99 -5.88 4.14 23.18
N ARG A 100 -5.18 4.50 22.13
CA ARG A 100 -4.25 5.60 22.22
C ARG A 100 -5.05 6.88 22.52
N GLU A 101 -6.08 7.11 21.77
CA GLU A 101 -6.83 8.36 21.90
C GLU A 101 -7.43 8.45 23.27
N ILE A 102 -7.92 7.32 23.82
CA ILE A 102 -8.44 7.29 25.19
C ILE A 102 -7.35 7.70 26.21
N HIS A 103 -6.16 7.20 25.99
CA HIS A 103 -5.05 7.57 26.90
C HIS A 103 -4.67 9.07 26.78
N GLU A 104 -4.55 9.59 25.56
CA GLU A 104 -4.24 11.02 25.32
C GLU A 104 -5.32 11.94 25.82
N GLU A 105 -6.60 11.59 25.61
CA GLU A 105 -7.66 12.52 25.96
C GLU A 105 -8.09 12.42 27.39
N THR A 106 -7.98 11.24 27.97
CA THR A 106 -8.51 10.99 29.25
C THR A 106 -7.48 10.68 30.27
N GLY A 107 -6.25 10.38 29.87
CA GLY A 107 -5.22 9.92 30.85
C GLY A 107 -5.38 8.48 31.34
N HIS A 108 -6.35 7.74 30.78
CA HIS A 108 -6.62 6.38 31.22
C HIS A 108 -6.13 5.35 30.24
N THR A 109 -5.59 4.27 30.76
CA THR A 109 -5.37 3.07 29.93
C THR A 109 -6.65 2.28 30.01
N ALA A 110 -6.90 1.47 29.01
CA ALA A 110 -8.16 0.74 29.01
C ALA A 110 -8.01 -0.50 28.09
N VAL A 111 -8.91 -1.45 28.29
CA VAL A 111 -9.02 -2.63 27.44
CA VAL A 111 -9.02 -2.62 27.44
C VAL A 111 -10.35 -2.58 26.66
N LEU A 112 -10.26 -2.69 25.36
CA LEU A 112 -11.46 -2.62 24.54
C LEU A 112 -12.23 -3.91 24.66
N GLY A 113 -13.56 -3.80 24.54
CA GLY A 113 -14.47 -4.90 24.57
C GLY A 113 -15.34 -4.92 23.31
N ARG A 114 -16.68 -4.91 23.50
CA ARG A 114 -17.66 -4.91 22.43
C ARG A 114 -17.51 -3.67 21.59
N ARG A 115 -17.73 -3.79 20.28
CA ARG A 115 -17.89 -2.69 19.39
C ARG A 115 -19.33 -2.14 19.50
N LEU A 116 -19.44 -0.83 19.40
CA LEU A 116 -20.67 -0.16 19.66
C LEU A 116 -21.15 0.58 18.47
N GLY A 117 -20.70 0.26 17.27
CA GLY A 117 -21.20 0.92 16.07
C GLY A 117 -20.32 2.01 15.50
N ARG A 118 -20.82 2.65 14.43
N ARG A 118 -20.81 2.64 14.43
CA ARG A 118 -20.04 3.50 13.55
CA ARG A 118 -20.03 3.54 13.61
C ARG A 118 -20.74 4.85 13.39
C ARG A 118 -20.75 4.87 13.45
N VAL A 119 -19.99 5.94 13.26
CA VAL A 119 -20.58 7.28 13.04
C VAL A 119 -19.83 7.87 11.88
N THR A 120 -20.54 8.47 10.96
CA THR A 120 -20.01 8.93 9.69
C THR A 120 -20.49 10.35 9.44
N TYR A 121 -19.61 11.28 9.16
CA TYR A 121 -20.10 12.60 8.77
C TYR A 121 -19.16 13.34 7.87
N PRO A 122 -19.71 14.29 7.08
CA PRO A 122 -18.86 15.07 6.18
C PRO A 122 -17.85 15.97 6.92
N ILE A 123 -16.72 16.24 6.30
CA ILE A 123 -15.67 17.14 6.82
C ILE A 123 -15.05 17.80 5.58
N PRO A 124 -14.33 18.94 5.74
CA PRO A 124 -13.69 19.58 4.57
C PRO A 124 -12.98 18.58 3.66
N GLN A 125 -12.22 17.68 4.25
CA GLN A 125 -11.46 16.63 3.51
C GLN A 125 -12.31 15.54 2.82
N GLY A 126 -13.57 15.41 3.23
CA GLY A 126 -14.47 14.41 2.65
C GLY A 126 -15.38 13.89 3.73
N THR A 127 -15.06 12.72 4.26
CA THR A 127 -15.90 12.04 5.22
C THR A 127 -15.05 11.44 6.34
N LYS A 128 -15.58 11.49 7.53
CA LYS A 128 -14.91 10.94 8.66
C LYS A 128 -15.78 9.73 9.01
N ARG A 129 -15.12 8.64 9.29
CA ARG A 129 -15.75 7.43 9.72
C ARG A 129 -15.19 7.08 11.09
N VAL A 130 -16.03 7.03 12.13
CA VAL A 130 -15.57 6.76 13.44
C VAL A 130 -16.18 5.45 13.93
N TRP A 131 -15.35 4.48 14.23
CA TRP A 131 -15.79 3.28 14.95
C TRP A 131 -15.63 3.40 16.47
N TYR A 132 -16.64 2.94 17.23
CA TYR A 132 -16.59 3.03 18.67
C TYR A 132 -16.59 1.69 19.37
N TRP A 133 -15.82 1.64 20.44
CA TRP A 133 -15.80 0.52 21.36
C TRP A 133 -16.17 0.90 22.75
N ALA A 134 -16.69 -0.09 23.46
CA ALA A 134 -16.70 -0.08 24.90
C ALA A 134 -15.29 -0.30 25.46
N ALA A 135 -14.85 0.48 26.45
CA ALA A 135 -13.48 0.37 27.01
C ALA A 135 -13.47 0.51 28.52
N LYS A 136 -13.04 -0.54 29.18
CA LYS A 136 -12.94 -0.60 30.61
C LYS A 136 -11.69 0.07 31.04
N SER A 137 -11.76 1.11 31.86
CA SER A 137 -10.56 1.73 32.37
C SER A 137 -9.71 0.71 33.14
N THR A 138 -8.41 0.70 32.92
CA THR A 138 -7.54 -0.18 33.73
C THR A 138 -6.68 0.61 34.69
N GLY A 139 -6.93 1.89 34.74
CA GLY A 139 -6.28 2.80 35.67
C GLY A 139 -5.90 4.12 35.04
N GLY A 140 -5.56 5.05 35.90
CA GLY A 140 -4.93 6.31 35.53
C GLY A 140 -5.82 7.39 36.08
N ASP A 141 -5.48 8.63 35.77
CA ASP A 141 -6.44 9.70 35.94
C ASP A 141 -6.12 10.90 35.07
N PHE A 142 -7.14 11.75 34.97
CA PHE A 142 -7.18 12.80 34.00
C PHE A 142 -6.39 14.00 34.46
N SER A 143 -5.71 14.65 33.55
CA SER A 143 -5.34 16.01 33.81
C SER A 143 -5.41 16.74 32.46
N PRO A 144 -5.85 18.02 32.48
CA PRO A 144 -5.99 18.83 31.28
C PRO A 144 -4.89 18.68 30.29
N ASN A 145 -5.25 18.64 29.01
CA ASN A 145 -4.33 18.63 27.89
C ASN A 145 -4.79 19.63 26.87
N ASP A 146 -4.10 19.80 25.75
CA ASP A 146 -4.52 20.86 24.81
C ASP A 146 -5.90 20.56 24.19
N GLU A 147 -6.17 19.28 23.89
CA GLU A 147 -7.45 18.90 23.30
C GLU A 147 -8.63 18.91 24.30
N VAL A 148 -8.40 18.49 25.53
CA VAL A 148 -9.47 18.22 26.46
C VAL A 148 -9.14 18.87 27.81
N ASP A 149 -10.00 19.76 28.28
CA ASP A 149 -9.71 20.55 29.45
C ASP A 149 -10.40 20.08 30.70
N LYS A 150 -11.51 19.35 30.56
CA LYS A 150 -12.23 18.77 31.67
C LYS A 150 -12.76 17.38 31.27
N LEU A 151 -12.96 16.53 32.26
CA LEU A 151 -13.55 15.24 32.08
C LEU A 151 -14.46 15.00 33.32
N VAL A 152 -15.65 14.48 33.11
CA VAL A 152 -16.54 14.09 34.19
C VAL A 152 -16.93 12.59 34.11
N TRP A 153 -17.08 11.94 35.25
CA TRP A 153 -17.51 10.59 35.28
C TRP A 153 -18.97 10.59 35.69
N LEU A 154 -19.83 10.00 34.88
CA LEU A 154 -21.27 10.16 35.03
C LEU A 154 -21.93 8.84 34.85
N PRO A 155 -22.95 8.56 35.69
CA PRO A 155 -23.77 7.43 35.38
C PRO A 155 -24.39 7.67 34.04
N VAL A 156 -24.87 6.58 33.46
CA VAL A 156 -25.24 6.57 32.09
C VAL A 156 -26.33 7.59 31.77
N ASP A 157 -27.34 7.66 32.64
CA ASP A 157 -28.41 8.63 32.50
C ASP A 157 -27.97 10.07 32.48
N ALA A 158 -27.04 10.39 33.35
CA ALA A 158 -26.52 11.73 33.43
C ALA A 158 -25.60 11.99 32.20
N ALA A 159 -24.80 10.99 31.83
CA ALA A 159 -24.00 11.06 30.59
C ALA A 159 -24.86 11.37 29.40
N MET A 160 -25.98 10.68 29.31
CA MET A 160 -26.88 10.89 28.19
C MET A 160 -27.28 12.35 28.05
N ASP A 161 -27.53 13.04 29.19
CA ASP A 161 -27.87 14.45 29.18
C ASP A 161 -26.68 15.33 28.92
N GLN A 162 -25.52 14.91 29.36
CA GLN A 162 -24.29 15.71 29.15
C GLN A 162 -23.81 15.77 27.71
N LEU A 163 -23.97 14.66 26.99
CA LEU A 163 -23.58 14.54 25.59
C LEU A 163 -24.43 15.38 24.67
N GLN A 164 -23.78 16.31 23.99
CA GLN A 164 -24.45 17.23 23.12
C GLN A 164 -24.72 16.73 21.72
N TYR A 165 -24.00 15.70 21.26
CA TYR A 165 -24.26 15.16 19.89
C TYR A 165 -25.18 13.92 19.85
N PRO A 166 -26.23 14.00 19.04
CA PRO A 166 -27.12 12.85 18.89
C PRO A 166 -26.38 11.54 18.56
N ASP A 167 -25.39 11.62 17.69
CA ASP A 167 -24.57 10.47 17.36
C ASP A 167 -23.84 9.87 18.54
N ASP A 168 -23.33 10.68 19.44
CA ASP A 168 -22.80 10.13 20.71
C ASP A 168 -23.79 9.44 21.60
N ARG A 169 -24.99 10.02 21.66
CA ARG A 169 -26.05 9.49 22.51
C ARG A 169 -26.47 8.14 21.97
N LYS A 170 -26.44 8.01 20.65
CA LYS A 170 -26.76 6.74 20.05
C LYS A 170 -25.75 5.66 20.44
N VAL A 171 -24.48 6.04 20.49
CA VAL A 171 -23.44 5.12 20.86
C VAL A 171 -23.60 4.68 22.30
N LEU A 172 -23.98 5.64 23.17
CA LEU A 172 -24.15 5.31 24.54
C LEU A 172 -25.38 4.41 24.74
N ARG A 173 -26.44 4.61 23.97
CA ARG A 173 -27.55 3.70 24.03
C ARG A 173 -27.13 2.30 23.65
N ARG A 174 -26.26 2.12 22.63
CA ARG A 174 -25.77 0.77 22.30
C ARG A 174 -24.99 0.15 23.43
N PHE A 175 -24.12 0.96 24.05
CA PHE A 175 -23.33 0.57 25.25
C PHE A 175 -24.25 -0.03 26.30
N VAL A 176 -25.35 0.63 26.62
CA VAL A 176 -26.13 0.16 27.80
C VAL A 176 -27.05 -0.97 27.52
N LYS A 177 -27.28 -1.30 26.26
CA LYS A 177 -28.20 -2.33 25.82
C LYS A 177 -27.75 -3.73 26.19
N ARG A 178 -26.45 -3.93 26.36
CA ARG A 178 -25.89 -5.21 26.65
C ARG A 178 -24.79 -5.09 27.72
N PRO A 179 -24.48 -6.17 28.45
CA PRO A 179 -23.40 -6.18 29.42
C PRO A 179 -22.12 -5.62 28.85
N VAL A 180 -21.32 -4.96 29.69
CA VAL A 180 -20.06 -4.36 29.23
C VAL A 180 -18.88 -4.95 29.90
N ASP A 181 -19.09 -5.70 30.96
CA ASP A 181 -17.98 -6.34 31.65
C ASP A 181 -17.78 -7.72 31.06
N THR A 182 -17.11 -7.75 29.93
CA THR A 182 -17.07 -8.94 29.08
C THR A 182 -15.68 -9.50 29.00
N LYS A 183 -15.57 -10.81 28.72
CA LYS A 183 -14.31 -11.41 28.35
C LYS A 183 -14.35 -11.62 26.82
N THR A 184 -13.24 -11.95 26.23
CA THR A 184 -13.10 -11.74 24.83
C THR A 184 -12.33 -12.91 24.26
N VAL A 185 -12.91 -13.53 23.20
CA VAL A 185 -12.30 -14.54 22.36
C VAL A 185 -12.03 -13.92 20.99
N LEU A 186 -10.79 -14.01 20.55
CA LEU A 186 -10.33 -13.38 19.31
C LEU A 186 -10.03 -14.48 18.31
N VAL A 187 -10.89 -14.60 17.29
CA VAL A 187 -10.79 -15.68 16.32
C VAL A 187 -10.17 -15.01 15.12
N VAL A 188 -9.04 -15.52 14.70
CA VAL A 188 -8.28 -14.85 13.68
C VAL A 188 -8.12 -15.84 12.54
N ARG A 189 -8.33 -15.35 11.31
CA ARG A 189 -7.98 -16.13 10.06
C ARG A 189 -6.50 -15.89 9.80
N HIS A 190 -5.74 -16.98 9.58
CA HIS A 190 -4.34 -16.84 9.23
C HIS A 190 -4.10 -15.88 8.09
N GLY A 191 -2.93 -15.27 8.09
CA GLY A 191 -2.52 -14.37 7.03
C GLY A 191 -2.25 -14.98 5.67
N THR A 192 -2.05 -14.09 4.67
CA THR A 192 -1.80 -14.62 3.39
C THR A 192 -0.58 -15.58 3.39
N ALA A 193 -0.73 -16.66 2.65
CA ALA A 193 0.24 -17.73 2.61
C ALA A 193 0.35 -18.33 1.21
N GLY A 194 0.28 -17.47 0.19
CA GLY A 194 0.50 -17.85 -1.25
C GLY A 194 -0.54 -18.87 -1.73
N ARG A 195 -0.15 -19.72 -2.68
CA ARG A 195 -1.06 -20.56 -3.44
C ARG A 195 -1.27 -22.00 -2.85
N ARG A 196 -2.51 -22.52 -2.88
CA ARG A 196 -2.73 -23.93 -2.54
C ARG A 196 -2.09 -24.84 -3.60
N SER A 197 -1.47 -25.91 -3.14
CA SER A 197 -0.82 -26.87 -4.02
C SER A 197 -1.71 -28.09 -4.27
N ARG A 198 -1.23 -28.90 -5.23
CA ARG A 198 -1.88 -30.13 -5.63
C ARG A 198 -1.61 -31.28 -4.71
N TYR A 199 -0.75 -31.14 -3.69
CA TYR A 199 -0.47 -32.28 -2.81
C TYR A 199 -1.54 -32.35 -1.77
N LYS A 200 -1.91 -33.59 -1.44
CA LYS A 200 -2.84 -33.90 -0.36
C LYS A 200 -2.25 -33.42 0.95
N GLY A 201 -3.16 -33.10 1.88
CA GLY A 201 -2.76 -32.72 3.22
C GLY A 201 -3.13 -31.31 3.65
N ASP A 202 -3.67 -30.52 2.70
CA ASP A 202 -3.97 -29.08 2.91
C ASP A 202 -2.72 -28.27 3.27
N ASP A 203 -1.57 -28.64 2.67
CA ASP A 203 -0.31 -27.92 2.81
C ASP A 203 0.03 -27.61 4.25
N ARG A 204 0.14 -28.65 5.07
CA ARG A 204 0.40 -28.43 6.46
C ARG A 204 1.55 -27.43 6.62
N LYS A 205 2.58 -27.52 5.75
CA LYS A 205 3.83 -26.78 5.99
C LYS A 205 3.87 -25.43 5.27
N ARG A 206 2.87 -25.10 4.48
CA ARG A 206 2.94 -23.87 3.68
C ARG A 206 3.02 -22.58 4.60
N PRO A 207 3.99 -21.72 4.34
CA PRO A 207 4.22 -20.59 5.23
C PRO A 207 3.51 -19.34 4.77
N LEU A 208 3.40 -18.35 5.65
CA LEU A 208 3.01 -16.99 5.25
C LEU A 208 3.94 -16.43 4.20
N ASP A 209 3.38 -15.68 3.28
CA ASP A 209 4.22 -14.91 2.34
C ASP A 209 4.54 -13.57 3.00
N LYS A 210 5.22 -12.73 2.25
CA LYS A 210 5.70 -11.48 2.78
C LYS A 210 4.57 -10.61 3.33
N ARG A 211 3.44 -10.59 2.65
CA ARG A 211 2.35 -9.75 3.01
C ARG A 211 1.80 -10.27 4.26
N GLY A 212 1.73 -11.61 4.31
CA GLY A 212 1.21 -12.28 5.51
C GLY A 212 2.05 -12.11 6.73
N ARG A 213 3.37 -12.12 6.57
CA ARG A 213 4.27 -11.86 7.70
C ARG A 213 4.04 -10.45 8.30
N ALA A 214 3.81 -9.48 7.42
CA ALA A 214 3.49 -8.12 7.76
C ALA A 214 2.14 -8.00 8.46
N GLN A 215 1.15 -8.73 7.94
CA GLN A 215 -0.16 -8.82 8.58
C GLN A 215 0.00 -9.38 9.95
N ALA A 216 0.85 -10.40 10.13
CA ALA A 216 1.07 -10.94 11.47
C ALA A 216 1.70 -9.94 12.46
N GLU A 217 2.70 -9.19 12.00
CA GLU A 217 3.29 -8.13 12.85
C GLU A 217 2.27 -7.09 13.19
N ALA A 218 1.40 -6.76 12.24
CA ALA A 218 0.38 -5.72 12.46
C ALA A 218 -0.72 -6.13 13.47
N LEU A 219 -0.99 -7.42 13.52
CA LEU A 219 -1.97 -7.95 14.48
C LEU A 219 -1.56 -7.81 15.89
N VAL A 220 -0.27 -7.71 16.21
CA VAL A 220 0.14 -7.73 17.61
C VAL A 220 -0.58 -6.61 18.44
N ALA A 221 -0.43 -5.38 18.02
CA ALA A 221 -1.00 -4.21 18.68
C ALA A 221 -2.53 -4.23 18.68
N GLN A 222 -3.09 -4.63 17.57
CA GLN A 222 -4.55 -4.84 17.49
C GLN A 222 -5.07 -5.85 18.48
N LEU A 223 -4.47 -7.05 18.56
CA LEU A 223 -4.96 -8.03 19.54
C LEU A 223 -4.67 -7.61 20.93
N MET A 224 -3.54 -6.93 21.16
CA MET A 224 -3.23 -6.46 22.53
C MET A 224 -4.24 -5.42 23.02
N ALA A 225 -4.86 -4.67 22.08
CA ALA A 225 -5.85 -3.63 22.47
C ALA A 225 -7.07 -4.26 23.15
N PHE A 226 -7.30 -5.56 22.92
CA PHE A 226 -8.42 -6.31 23.48
C PHE A 226 -7.97 -7.16 24.66
N GLY A 227 -6.74 -6.94 25.14
CA GLY A 227 -6.23 -7.70 26.31
C GLY A 227 -6.02 -9.18 26.08
N ALA A 228 -5.55 -9.54 24.87
CA ALA A 228 -5.22 -10.91 24.57
C ALA A 228 -4.15 -11.44 25.51
N THR A 229 -4.44 -12.58 26.16
CA THR A 229 -3.48 -13.25 27.09
C THR A 229 -3.01 -14.69 26.79
N THR A 230 -3.73 -15.45 25.95
CA THR A 230 -3.44 -16.88 25.71
C THR A 230 -3.60 -17.15 24.20
N LEU A 231 -2.83 -18.12 23.70
CA LEU A 231 -2.69 -18.33 22.29
C LEU A 231 -2.93 -19.81 21.91
N TYR A 232 -3.75 -19.94 20.87
CA TYR A 232 -4.23 -21.18 20.34
C TYR A 232 -4.17 -21.07 18.80
N ALA A 233 -3.76 -22.14 18.14
CA ALA A 233 -3.67 -22.17 16.67
C ALA A 233 -3.97 -23.55 16.12
N ALA A 234 -4.73 -23.58 15.01
CA ALA A 234 -5.03 -24.83 14.36
C ALA A 234 -3.71 -25.40 13.87
N ASP A 235 -3.67 -26.72 13.73
CA ASP A 235 -2.45 -27.45 13.46
C ASP A 235 -1.99 -27.29 12.01
N ARG A 236 -1.69 -26.06 11.64
CA ARG A 236 -1.19 -25.71 10.35
C ARG A 236 -0.08 -24.67 10.53
N VAL A 237 1.06 -24.83 9.84
CA VAL A 237 2.13 -23.83 10.01
C VAL A 237 1.66 -22.34 9.91
N ARG A 238 0.87 -22.05 8.88
CA ARG A 238 0.44 -20.69 8.58
C ARG A 238 -0.42 -20.09 9.71
N CYS A 239 -1.18 -20.91 10.41
CA CYS A 239 -1.91 -20.40 11.58
C CYS A 239 -1.00 -20.04 12.73
N HIS A 240 -0.02 -20.89 13.02
CA HIS A 240 0.94 -20.58 14.05
C HIS A 240 1.71 -19.35 13.76
N GLN A 241 2.17 -19.24 12.53
CA GLN A 241 3.03 -18.13 12.14
C GLN A 241 2.30 -16.78 12.28
N THR A 242 0.98 -16.78 12.10
CA THR A 242 0.21 -15.59 12.11
C THR A 242 0.16 -15.00 13.53
N ILE A 243 0.23 -15.85 14.56
CA ILE A 243 0.25 -15.38 15.95
C ILE A 243 1.62 -15.49 16.64
N GLU A 244 2.64 -15.93 15.91
CA GLU A 244 4.00 -16.00 16.51
C GLU A 244 4.54 -14.59 16.94
N PRO A 245 4.32 -13.57 16.13
CA PRO A 245 4.70 -12.22 16.63
C PRO A 245 4.01 -11.81 17.92
N LEU A 246 2.71 -12.11 18.05
CA LEU A 246 2.06 -11.91 19.34
C LEU A 246 2.67 -12.78 20.42
N ALA A 247 3.05 -13.99 20.06
CA ALA A 247 3.59 -14.93 21.07
C ALA A 247 4.92 -14.38 21.63
N GLN A 248 5.68 -13.79 20.75
CA GLN A 248 6.96 -13.14 21.07
C GLN A 248 6.74 -11.95 21.99
N GLU A 249 5.73 -11.15 21.71
CA GLU A 249 5.36 -10.01 22.53
C GLU A 249 4.92 -10.45 23.93
N LEU A 250 4.10 -11.48 24.02
CA LEU A 250 3.65 -11.94 25.30
C LEU A 250 4.64 -12.88 25.94
N ASP A 251 5.62 -13.35 25.19
CA ASP A 251 6.50 -14.42 25.58
C ASP A 251 5.70 -15.63 26.04
N GLN A 252 4.86 -16.15 25.12
CA GLN A 252 3.98 -17.29 25.44
C GLN A 252 3.94 -18.40 24.43
N LEU A 253 3.66 -19.63 24.87
CA LEU A 253 3.56 -20.75 23.96
C LEU A 253 2.18 -20.67 23.21
N ILE A 254 2.13 -21.14 21.96
CA ILE A 254 0.91 -21.32 21.24
C ILE A 254 0.41 -22.76 21.38
N HIS A 255 -0.76 -22.95 21.97
CA HIS A 255 -1.34 -24.28 22.02
CA HIS A 255 -1.38 -24.26 22.03
C HIS A 255 -1.83 -24.71 20.63
N ASN A 256 -1.32 -25.85 20.17
CA ASN A 256 -1.74 -26.47 18.91
C ASN A 256 -3.13 -27.11 18.95
N GLU A 257 -3.93 -26.92 17.89
CA GLU A 257 -5.32 -27.34 17.89
C GLU A 257 -5.72 -28.15 16.63
N PRO A 258 -5.44 -29.47 16.65
CA PRO A 258 -5.71 -30.28 15.46
C PRO A 258 -7.20 -30.39 15.16
N LEU A 259 -8.05 -30.22 16.18
CA LEU A 259 -9.51 -30.23 16.01
C LEU A 259 -10.07 -29.02 15.27
N LEU A 260 -9.26 -28.02 15.01
CA LEU A 260 -9.74 -26.84 14.32
C LEU A 260 -9.11 -26.60 12.98
N THR A 261 -8.55 -27.62 12.34
CA THR A 261 -8.22 -27.43 10.96
C THR A 261 -9.49 -27.63 10.13
N GLU A 262 -9.45 -27.25 8.85
CA GLU A 262 -10.57 -27.44 7.92
C GLU A 262 -10.91 -28.95 7.76
N GLU A 263 -9.86 -29.75 7.79
CA GLU A 263 -9.97 -31.18 7.70
C GLU A 263 -10.75 -31.77 8.83
N ALA A 264 -10.34 -31.45 10.06
CA ALA A 264 -11.00 -31.94 11.25
C ALA A 264 -12.41 -31.37 11.43
N TYR A 265 -12.57 -30.12 11.00
CA TYR A 265 -13.84 -29.44 11.11
C TYR A 265 -14.91 -30.15 10.31
N ALA A 266 -14.59 -30.44 9.06
CA ALA A 266 -15.47 -31.19 8.18
C ALA A 266 -15.74 -32.62 8.68
N ALA A 267 -14.73 -33.27 9.23
CA ALA A 267 -14.89 -34.63 9.70
C ALA A 267 -15.65 -34.71 10.98
N ASP A 268 -15.54 -33.68 11.80
CA ASP A 268 -16.24 -33.68 13.08
C ASP A 268 -16.43 -32.26 13.55
N HIS A 269 -17.45 -31.61 13.00
CA HIS A 269 -17.76 -30.22 13.30
C HIS A 269 -18.24 -30.03 14.69
N LYS A 270 -18.91 -31.04 15.21
CA LYS A 270 -19.28 -31.01 16.61
C LYS A 270 -18.09 -31.04 17.58
N ALA A 271 -17.01 -31.70 17.21
CA ALA A 271 -15.85 -31.68 18.07
C ALA A 271 -15.20 -30.27 18.09
N ALA A 272 -15.28 -29.56 16.97
CA ALA A 272 -14.67 -28.26 16.85
C ALA A 272 -15.47 -27.29 17.68
N ARG A 273 -16.81 -27.34 17.58
CA ARG A 273 -17.68 -26.47 18.39
C ARG A 273 -17.39 -26.67 19.81
N LYS A 274 -17.39 -27.93 20.24
CA LYS A 274 -17.15 -28.24 21.67
C LYS A 274 -15.82 -27.69 22.15
N ARG A 275 -14.77 -27.81 21.31
CA ARG A 275 -13.47 -27.30 21.64
C ARG A 275 -13.43 -25.79 21.69
N LEU A 276 -14.10 -25.13 20.76
CA LEU A 276 -14.15 -23.67 20.79
C LEU A 276 -14.74 -23.22 22.12
N LEU A 277 -15.83 -23.84 22.54
CA LEU A 277 -16.44 -23.40 23.81
C LEU A 277 -15.57 -23.73 24.98
N GLU A 278 -14.83 -24.82 24.90
CA GLU A 278 -13.87 -25.12 25.94
C GLU A 278 -12.81 -24.03 26.01
N ILE A 279 -12.19 -23.70 24.89
CA ILE A 279 -11.18 -22.65 24.94
C ILE A 279 -11.74 -21.34 25.55
N ALA A 280 -12.94 -20.96 25.07
CA ALA A 280 -13.61 -19.77 25.51
C ALA A 280 -13.86 -19.76 27.00
N GLY A 281 -14.10 -20.93 27.59
CA GLY A 281 -14.46 -21.03 28.99
C GLY A 281 -13.31 -20.87 29.98
N ARG A 282 -12.10 -21.06 29.49
CA ARG A 282 -10.90 -20.92 30.33
C ARG A 282 -10.68 -19.46 30.69
N PRO A 283 -9.98 -19.20 31.80
CA PRO A 283 -9.75 -17.81 32.12
C PRO A 283 -8.83 -17.18 31.11
N GLY A 284 -8.97 -15.86 30.97
CA GLY A 284 -8.09 -15.11 30.08
C GLY A 284 -8.87 -14.85 28.80
N ASN A 285 -8.22 -14.16 27.88
CA ASN A 285 -8.79 -13.79 26.62
C ASN A 285 -7.97 -14.48 25.54
N PRO A 286 -8.53 -15.54 24.99
CA PRO A 286 -7.79 -16.35 24.07
C PRO A 286 -7.83 -15.85 22.67
N VAL A 287 -6.69 -16.02 22.02
CA VAL A 287 -6.61 -15.82 20.58
C VAL A 287 -6.63 -17.21 19.95
N ILE A 288 -7.53 -17.41 18.99
CA ILE A 288 -7.57 -18.65 18.27
C ILE A 288 -7.37 -18.41 16.81
N CYS A 289 -6.25 -18.89 16.22
CA CYS A 289 -6.02 -18.71 14.80
C CYS A 289 -6.41 -19.97 14.03
N THR A 290 -7.26 -19.77 13.03
CA THR A 290 -7.76 -20.90 12.23
C THR A 290 -7.89 -20.56 10.75
N GLN A 291 -8.60 -21.40 10.02
CA GLN A 291 -8.73 -21.27 8.59
C GLN A 291 -10.11 -20.78 8.10
N GLY A 292 -10.13 -20.33 6.85
CA GLY A 292 -11.33 -19.82 6.21
C GLY A 292 -12.60 -20.66 6.27
N LYS A 293 -12.50 -21.98 6.10
CA LYS A 293 -13.71 -22.82 6.07
C LYS A 293 -14.25 -23.05 7.47
N VAL A 294 -13.42 -22.86 8.50
CA VAL A 294 -13.88 -23.12 9.86
C VAL A 294 -14.66 -21.94 10.45
N ILE A 295 -14.23 -20.74 10.13
CA ILE A 295 -14.68 -19.57 10.86
C ILE A 295 -16.15 -19.23 10.72
N PRO A 296 -16.64 -19.14 9.51
CA PRO A 296 -18.03 -18.78 9.39
C PRO A 296 -18.93 -19.85 9.96
N GLY A 297 -18.60 -21.12 9.75
CA GLY A 297 -19.34 -22.22 10.37
C GLY A 297 -19.50 -22.06 11.87
N LEU A 298 -18.42 -21.72 12.57
CA LEU A 298 -18.48 -21.56 14.00
C LEU A 298 -19.15 -20.27 14.43
N ILE A 299 -18.75 -19.16 13.81
CA ILE A 299 -19.35 -17.87 14.20
C ILE A 299 -20.83 -17.85 13.95
N GLU A 300 -21.24 -18.24 12.74
CA GLU A 300 -22.65 -18.18 12.33
C GLU A 300 -23.43 -19.05 13.26
N TRP A 301 -22.86 -20.18 13.61
CA TRP A 301 -23.56 -21.12 14.53
C TRP A 301 -23.69 -20.43 15.87
N TRP A 302 -22.61 -19.82 16.36
CA TRP A 302 -22.64 -19.35 17.77
C TRP A 302 -23.57 -18.09 17.76
N CYS A 303 -23.54 -17.27 16.71
CA CYS A 303 -24.40 -16.07 16.69
C CYS A 303 -25.94 -16.47 16.67
N GLU A 304 -26.26 -17.41 15.80
CA GLU A 304 -27.64 -17.90 15.71
C GLU A 304 -28.11 -18.46 17.07
N ARG A 305 -27.36 -19.35 17.71
CA ARG A 305 -27.82 -19.80 19.05
C ARG A 305 -27.93 -18.67 20.10
N ALA A 306 -27.08 -17.65 20.03
CA ALA A 306 -27.11 -16.63 21.09
C ALA A 306 -27.98 -15.47 20.75
N LYS A 307 -28.49 -15.42 19.50
CA LYS A 307 -29.25 -14.29 18.97
C LYS A 307 -28.42 -13.03 19.01
N VAL A 308 -27.22 -13.11 18.38
CA VAL A 308 -26.29 -11.99 18.27
C VAL A 308 -26.20 -11.56 16.84
N ARG A 309 -26.38 -10.29 16.61
CA ARG A 309 -26.28 -9.74 15.30
C ARG A 309 -24.85 -9.18 15.09
N PRO A 310 -24.10 -9.69 14.06
CA PRO A 310 -22.78 -9.09 13.76
C PRO A 310 -23.04 -7.89 12.86
N GLU A 311 -22.51 -6.73 13.19
CA GLU A 311 -22.83 -5.53 12.38
C GLU A 311 -22.12 -5.58 11.03
N THR A 312 -20.92 -6.18 11.00
CA THR A 312 -20.18 -6.38 9.78
C THR A 312 -19.84 -7.86 9.71
N THR A 313 -19.50 -8.30 8.51
CA THR A 313 -19.11 -9.68 8.31
C THR A 313 -18.07 -9.74 7.19
N GLY A 314 -17.24 -10.77 7.25
CA GLY A 314 -16.23 -10.97 6.20
C GLY A 314 -15.44 -12.13 6.67
N ASN A 315 -14.38 -12.43 5.97
CA ASN A 315 -13.56 -13.58 6.30
C ASN A 315 -12.24 -13.57 5.53
N ARG A 316 -11.63 -12.39 5.42
CA ARG A 316 -10.39 -12.22 4.73
C ARG A 316 -9.23 -12.77 5.59
N LYS A 317 -8.17 -13.18 4.90
CA LYS A 317 -6.97 -13.59 5.56
C LYS A 317 -6.45 -12.43 6.37
N GLY A 318 -6.10 -12.73 7.62
CA GLY A 318 -5.63 -11.74 8.60
C GLY A 318 -6.69 -10.95 9.30
N SER A 319 -7.95 -11.22 9.00
CA SER A 319 -9.08 -10.68 9.80
C SER A 319 -9.27 -11.30 11.18
N THR A 320 -10.00 -10.55 12.01
CA THR A 320 -10.27 -10.95 13.42
C THR A 320 -11.76 -10.83 13.71
N TRP A 321 -12.37 -11.85 14.33
CA TRP A 321 -13.68 -11.79 14.93
C TRP A 321 -13.50 -11.66 16.47
N VAL A 322 -13.98 -10.55 17.01
CA VAL A 322 -13.89 -10.21 18.40
C VAL A 322 -15.21 -10.72 19.00
N LEU A 323 -15.14 -11.80 19.74
CA LEU A 323 -16.31 -12.39 20.35
C LEU A 323 -16.39 -12.00 21.78
N SER A 324 -17.43 -11.26 22.14
CA SER A 324 -17.58 -10.83 23.58
C SER A 324 -18.52 -11.73 24.33
N LEU A 325 -18.14 -12.12 25.53
CA LEU A 325 -18.92 -12.98 26.34
C LEU A 325 -19.17 -12.37 27.66
N SER A 326 -20.41 -12.49 28.09
CA SER A 326 -20.77 -12.17 29.48
C SER A 326 -21.36 -13.41 30.14
N ASP A 327 -20.84 -13.83 31.28
CA ASP A 327 -21.44 -14.98 32.06
C ASP A 327 -21.44 -16.18 31.15
N GLY A 328 -20.39 -16.29 30.34
CA GLY A 328 -20.30 -17.37 29.38
C GLY A 328 -21.28 -17.35 28.21
N GLU A 329 -22.04 -16.26 28.02
CA GLU A 329 -22.87 -16.15 26.82
C GLU A 329 -22.31 -15.10 25.86
N LEU A 330 -22.40 -15.43 24.61
CA LEU A 330 -22.02 -14.51 23.58
C LEU A 330 -22.93 -13.28 23.58
N VAL A 331 -22.36 -12.10 23.63
CA VAL A 331 -23.14 -10.85 23.52
C VAL A 331 -22.70 -9.92 22.41
N GLY A 332 -21.69 -10.35 21.68
CA GLY A 332 -21.18 -9.57 20.60
C GLY A 332 -20.26 -10.32 19.67
N ALA A 333 -20.31 -9.97 18.38
CA ALA A 333 -19.44 -10.58 17.39
C ALA A 333 -19.01 -9.56 16.33
N ASP A 334 -17.78 -9.09 16.45
CA ASP A 334 -17.36 -7.91 15.71
C ASP A 334 -16.26 -8.24 14.68
N TYR A 335 -16.56 -8.09 13.38
CA TYR A 335 -15.61 -8.43 12.39
C TYR A 335 -14.68 -7.25 12.11
N LEU A 336 -13.38 -7.52 12.22
CA LEU A 336 -12.37 -6.47 11.95
C LEU A 336 -11.59 -6.86 10.68
N SER A 337 -11.42 -5.88 9.79
CA SER A 337 -10.68 -6.08 8.54
C SER A 337 -9.23 -6.52 8.83
N PRO A 338 -8.55 -7.13 7.83
CA PRO A 338 -7.08 -7.34 7.95
C PRO A 338 -6.43 -5.96 8.16
N PRO A 339 -5.32 -5.92 8.88
CA PRO A 339 -4.74 -4.62 9.25
C PRO A 339 -4.19 -3.83 8.08
N ASP A 340 -3.87 -4.48 6.98
CA ASP A 340 -3.43 -3.75 5.79
C ASP A 340 -4.54 -3.49 4.80
N GLU A 341 -5.79 -3.53 5.23
CA GLU A 341 -6.89 -3.17 4.34
C GLU A 341 -7.30 -1.74 4.74
N HIS B 42 11.20 23.65 -37.02
CA HIS B 42 11.94 22.97 -35.91
C HIS B 42 10.99 22.75 -34.73
N THR B 43 11.15 21.60 -34.10
CA THR B 43 10.50 21.31 -32.83
C THR B 43 11.62 21.42 -31.85
N VAL B 44 11.44 22.25 -30.83
CA VAL B 44 12.37 22.28 -29.74
C VAL B 44 11.84 21.24 -28.74
N ARG B 45 12.73 20.37 -28.28
CA ARG B 45 12.30 19.28 -27.41
C ARG B 45 12.63 19.70 -26.00
N ALA B 46 11.69 19.41 -25.11
CA ALA B 46 11.82 19.73 -23.73
C ALA B 46 11.16 18.67 -22.91
N ALA B 47 11.38 18.79 -21.63
CA ALA B 47 10.90 17.85 -20.70
C ALA B 47 10.63 18.54 -19.39
N GLY B 48 9.65 18.04 -18.67
CA GLY B 48 9.22 18.57 -17.39
C GLY B 48 8.76 17.55 -16.37
N ALA B 49 8.30 18.02 -15.24
CA ALA B 49 7.91 17.09 -14.21
C ALA B 49 6.97 17.67 -13.20
N VAL B 50 6.21 16.75 -12.60
CA VAL B 50 5.59 16.93 -11.29
C VAL B 50 6.52 16.28 -10.24
N LEU B 51 7.29 17.10 -9.58
CA LEU B 51 8.16 16.69 -8.46
C LEU B 51 7.34 16.58 -7.20
N TRP B 52 7.41 15.45 -6.50
CA TRP B 52 6.58 15.24 -5.29
C TRP B 52 7.34 14.57 -4.14
N ARG B 53 6.82 14.74 -2.92
CA ARG B 53 7.35 14.07 -1.72
C ARG B 53 6.18 13.73 -0.80
N ASP B 54 6.34 12.74 0.07
CA ASP B 54 5.38 12.51 1.19
C ASP B 54 5.21 13.79 2.01
N ALA B 55 3.98 14.19 2.36
CA ALA B 55 3.79 15.47 3.10
C ALA B 55 4.38 15.48 4.51
N THR B 67 -1.85 12.87 1.08
CA THR B 67 -0.54 12.86 1.75
C THR B 67 0.69 12.92 0.82
N VAL B 68 0.59 13.71 -0.23
CA VAL B 68 1.67 13.87 -1.18
C VAL B 68 1.71 15.37 -1.45
N GLU B 69 2.89 15.96 -1.59
CA GLU B 69 2.92 17.34 -2.00
C GLU B 69 3.81 17.50 -3.20
N VAL B 70 3.53 18.55 -3.93
CA VAL B 70 4.13 18.77 -5.21
C VAL B 70 4.68 20.15 -5.29
N ALA B 71 5.71 20.29 -6.11
CA ALA B 71 6.49 21.50 -6.16
C ALA B 71 5.98 22.39 -7.27
N VAL B 72 5.75 23.67 -6.94
CA VAL B 72 5.32 24.65 -7.90
C VAL B 72 6.28 25.83 -7.89
N ILE B 73 6.74 26.22 -9.05
CA ILE B 73 7.82 27.21 -9.17
C ILE B 73 7.34 28.53 -9.76
N HIS B 74 8.03 29.60 -9.32
CA HIS B 74 7.72 30.94 -9.78
C HIS B 74 8.91 31.44 -10.52
N ARG B 75 8.64 31.91 -11.75
CA ARG B 75 9.68 32.45 -12.68
C ARG B 75 9.47 33.95 -12.83
N PRO B 76 10.47 34.76 -12.51
CA PRO B 76 10.27 36.19 -12.77
C PRO B 76 10.25 36.61 -14.28
N ARG B 77 10.84 35.82 -15.15
CA ARG B 77 10.74 36.14 -16.57
C ARG B 77 9.30 36.38 -16.99
N TYR B 78 8.35 35.58 -16.48
CA TYR B 78 6.88 35.80 -16.77
C TYR B 78 6.01 36.15 -15.59
N ASP B 79 6.62 36.28 -14.43
CA ASP B 79 5.89 36.35 -13.18
C ASP B 79 4.80 35.27 -13.13
N ASP B 80 5.18 34.01 -13.34
CA ASP B 80 4.20 32.94 -13.33
C ASP B 80 4.52 31.82 -12.37
N TRP B 81 3.50 31.01 -12.09
CA TRP B 81 3.65 29.78 -11.35
C TRP B 81 3.42 28.58 -12.27
N SER B 82 4.31 27.59 -12.18
CA SER B 82 4.25 26.46 -13.12
C SER B 82 4.98 25.24 -12.66
N LEU B 83 4.97 24.20 -13.50
CA LEU B 83 5.78 23.00 -13.23
C LEU B 83 7.14 23.12 -13.85
N PRO B 84 8.18 22.61 -13.15
CA PRO B 84 9.51 22.70 -13.73
C PRO B 84 9.55 22.10 -15.12
N LYS B 85 10.34 22.67 -16.00
CA LYS B 85 10.49 22.12 -17.31
C LYS B 85 11.61 22.90 -18.00
N GLY B 86 12.34 22.26 -18.87
CA GLY B 86 13.19 22.98 -19.81
C GLY B 86 13.65 22.13 -20.92
N LYS B 87 14.53 22.74 -21.68
CA LYS B 87 14.95 22.27 -22.97
C LYS B 87 16.04 21.21 -22.81
N LEU B 88 15.98 20.27 -23.73
CA LEU B 88 17.03 19.24 -23.89
C LEU B 88 18.32 19.90 -24.33
N ASP B 89 19.43 19.66 -23.61
CA ASP B 89 20.81 20.08 -24.03
C ASP B 89 21.45 19.01 -24.95
N GLN B 90 22.61 19.25 -25.52
CA GLN B 90 23.30 18.14 -26.29
C GLN B 90 23.79 17.03 -25.30
N GLY B 91 23.80 15.75 -25.62
CA GLY B 91 22.96 15.09 -26.61
C GLY B 91 22.07 14.24 -25.70
N GLU B 92 21.15 14.94 -25.04
CA GLU B 92 20.28 14.35 -24.06
C GLU B 92 19.02 13.74 -24.68
N THR B 93 18.46 12.81 -23.92
CA THR B 93 17.13 12.38 -24.12
C THR B 93 16.22 13.03 -23.07
N GLU B 94 14.91 12.90 -23.28
CA GLU B 94 13.93 13.64 -22.47
C GLU B 94 14.02 13.34 -20.99
N PRO B 95 14.22 12.01 -20.58
CA PRO B 95 14.28 11.76 -19.17
C PRO B 95 15.40 12.43 -18.49
N VAL B 96 16.55 12.52 -19.16
CA VAL B 96 17.71 13.09 -18.55
C VAL B 96 17.49 14.59 -18.45
N ALA B 97 17.02 15.23 -19.54
CA ALA B 97 16.66 16.63 -19.45
C ALA B 97 15.69 16.93 -18.25
N ALA B 98 14.67 16.10 -18.07
CA ALA B 98 13.76 16.32 -16.91
C ALA B 98 14.43 16.29 -15.59
N ALA B 99 15.34 15.35 -15.41
CA ALA B 99 15.97 15.20 -14.13
C ALA B 99 16.91 16.38 -13.91
N ARG B 100 17.63 16.77 -14.96
CA ARG B 100 18.56 17.90 -14.82
C ARG B 100 17.82 19.24 -14.64
N GLU B 101 16.74 19.43 -15.35
CA GLU B 101 15.96 20.67 -15.15
C GLU B 101 15.32 20.72 -13.76
N ILE B 102 14.84 19.58 -13.26
CA ILE B 102 14.34 19.55 -11.91
C ILE B 102 15.43 20.02 -10.91
N HIS B 103 16.62 19.48 -11.10
CA HIS B 103 17.72 19.82 -10.21
C HIS B 103 18.13 21.28 -10.32
N GLU B 104 18.21 21.82 -11.55
CA GLU B 104 18.53 23.25 -11.75
C GLU B 104 17.44 24.13 -11.11
N GLU B 105 16.19 23.82 -11.40
CA GLU B 105 15.10 24.70 -11.02
C GLU B 105 14.71 24.56 -9.59
N THR B 106 14.77 23.37 -9.02
CA THR B 106 14.21 23.17 -7.67
C THR B 106 15.23 22.85 -6.60
N GLY B 107 16.43 22.49 -7.01
CA GLY B 107 17.46 22.11 -6.04
C GLY B 107 17.41 20.63 -5.68
N HIS B 108 16.39 19.89 -6.15
CA HIS B 108 16.17 18.52 -5.72
C HIS B 108 16.69 17.49 -6.71
N THR B 109 17.24 16.40 -6.18
CA THR B 109 17.51 15.20 -6.98
C THR B 109 16.20 14.41 -6.96
N ALA B 110 15.97 13.61 -8.01
CA ALA B 110 14.67 12.91 -8.13
C ALA B 110 14.84 11.68 -9.01
N VAL B 111 13.94 10.73 -8.85
CA VAL B 111 13.89 9.56 -9.74
C VAL B 111 12.53 9.65 -10.49
N LEU B 112 12.60 9.55 -11.79
CA LEU B 112 11.41 9.57 -12.61
C LEU B 112 10.64 8.28 -12.55
N GLY B 113 9.32 8.39 -12.60
CA GLY B 113 8.42 7.22 -12.58
C GLY B 113 7.57 7.23 -13.83
N ARG B 114 6.24 7.27 -13.64
CA ARG B 114 5.26 7.36 -14.73
C ARG B 114 5.37 8.63 -15.59
N ARG B 115 5.07 8.48 -16.86
CA ARG B 115 5.01 9.59 -17.77
C ARG B 115 3.60 10.15 -17.79
N LEU B 116 3.49 11.45 -17.96
CA LEU B 116 2.22 12.19 -17.69
C LEU B 116 1.73 12.92 -18.87
N GLY B 117 2.09 12.50 -20.05
CA GLY B 117 1.55 13.18 -21.23
C GLY B 117 2.53 14.24 -21.65
N ARG B 118 2.13 14.91 -22.70
CA ARG B 118 2.90 15.82 -23.54
C ARG B 118 2.13 17.15 -23.69
N VAL B 119 2.85 18.25 -23.66
CA VAL B 119 2.25 19.52 -23.93
C VAL B 119 2.96 20.09 -25.15
N THR B 120 2.21 20.61 -26.09
CA THR B 120 2.79 21.15 -27.29
C THR B 120 2.30 22.56 -27.47
N TYR B 121 3.12 23.46 -27.98
CA TYR B 121 2.61 24.78 -28.33
C TYR B 121 3.61 25.57 -29.19
N PRO B 122 3.09 26.53 -30.00
CA PRO B 122 3.98 27.27 -30.91
C PRO B 122 4.96 28.20 -30.21
N ILE B 123 6.14 28.41 -30.81
CA ILE B 123 7.19 29.37 -30.34
C ILE B 123 7.81 30.06 -31.58
N PRO B 124 8.56 31.16 -31.36
CA PRO B 124 9.12 31.83 -32.53
C PRO B 124 9.84 30.88 -33.49
N GLN B 125 10.62 29.96 -32.96
CA GLN B 125 11.36 29.05 -33.86
C GLN B 125 10.55 27.86 -34.41
N GLY B 126 9.26 27.75 -34.06
CA GLY B 126 8.40 26.63 -34.49
C GLY B 126 7.42 26.14 -33.41
N THR B 127 7.71 24.96 -32.84
CA THR B 127 6.86 24.28 -31.86
C THR B 127 7.71 23.74 -30.76
N LYS B 128 7.27 23.89 -29.53
CA LYS B 128 7.93 23.24 -28.43
C LYS B 128 7.09 21.99 -28.12
N ARG B 129 7.79 20.94 -27.66
CA ARG B 129 7.21 19.67 -27.21
C ARG B 129 7.78 19.33 -25.85
N VAL B 130 6.91 19.29 -24.84
CA VAL B 130 7.31 18.98 -23.48
C VAL B 130 6.65 17.67 -23.15
N TRP B 131 7.46 16.66 -22.79
CA TRP B 131 7.01 15.44 -22.08
C TRP B 131 7.22 15.62 -20.64
N TYR B 132 6.22 15.22 -19.86
CA TYR B 132 6.25 15.35 -18.42
C TYR B 132 6.30 13.96 -17.71
N TRP B 133 7.06 13.90 -16.64
CA TRP B 133 7.07 12.76 -15.72
C TRP B 133 6.69 13.11 -14.27
N ALA B 134 6.16 12.11 -13.60
CA ALA B 134 6.17 12.08 -12.13
C ALA B 134 7.58 11.83 -11.63
N ALA B 135 8.03 12.63 -10.69
CA ALA B 135 9.42 12.55 -10.22
C ALA B 135 9.46 12.67 -8.72
N LYS B 136 9.90 11.61 -8.06
CA LYS B 136 9.95 11.55 -6.60
C LYS B 136 11.24 12.16 -6.07
N SER B 137 11.11 13.15 -5.18
CA SER B 137 12.30 13.81 -4.65
C SER B 137 13.12 12.76 -3.87
N THR B 138 14.42 12.77 -4.09
CA THR B 138 15.38 11.98 -3.29
C THR B 138 16.36 12.85 -2.49
N GLY B 139 15.92 14.06 -2.17
CA GLY B 139 16.74 14.98 -1.35
C GLY B 139 16.99 16.31 -2.03
N GLY B 140 17.35 17.32 -1.24
CA GLY B 140 17.85 18.56 -1.82
C GLY B 140 17.06 19.71 -1.22
N ASP B 141 17.44 20.94 -1.59
CA ASP B 141 16.80 22.14 -1.08
C ASP B 141 16.71 23.18 -2.13
N PHE B 142 15.60 23.88 -2.12
CA PHE B 142 15.48 25.00 -3.01
C PHE B 142 16.35 26.15 -2.51
N SER B 143 17.10 26.76 -3.44
CA SER B 143 17.71 28.06 -3.30
C SER B 143 17.32 28.89 -4.52
N PRO B 144 16.84 30.13 -4.30
CA PRO B 144 16.61 31.01 -5.45
C PRO B 144 17.70 30.98 -6.51
N ASN B 145 17.30 31.00 -7.77
CA ASN B 145 18.25 30.94 -8.86
C ASN B 145 17.87 31.86 -10.01
N ASP B 146 18.56 31.79 -11.14
CA ASP B 146 18.26 32.76 -12.23
C ASP B 146 16.78 32.64 -12.68
N GLU B 147 16.44 31.43 -13.09
CA GLU B 147 15.18 31.15 -13.72
C GLU B 147 14.03 31.15 -12.70
N VAL B 148 14.26 30.70 -11.48
CA VAL B 148 13.23 30.43 -10.47
C VAL B 148 13.56 31.07 -9.11
N ASP B 149 12.68 31.92 -8.61
CA ASP B 149 12.98 32.66 -7.39
C ASP B 149 12.25 32.18 -6.17
N LYS B 150 11.16 31.45 -6.35
CA LYS B 150 10.37 30.89 -5.31
C LYS B 150 9.92 29.52 -5.75
N LEU B 151 9.77 28.64 -4.77
CA LEU B 151 9.19 27.34 -4.96
C LEU B 151 8.27 27.11 -3.77
N VAL B 152 7.05 26.61 -3.99
CA VAL B 152 6.22 26.16 -2.88
C VAL B 152 5.85 24.65 -2.95
N TRP B 153 5.74 24.02 -1.79
CA TRP B 153 5.29 22.64 -1.76
C TRP B 153 3.84 22.69 -1.33
N LEU B 154 2.97 22.04 -2.08
CA LEU B 154 1.55 22.12 -1.91
C LEU B 154 0.90 20.78 -2.20
N PRO B 155 -0.12 20.45 -1.38
CA PRO B 155 -0.94 19.32 -1.70
C PRO B 155 -1.62 19.56 -3.03
N VAL B 156 -2.04 18.48 -3.66
CA VAL B 156 -2.40 18.62 -5.07
C VAL B 156 -3.51 19.60 -5.34
N ASP B 157 -4.54 19.59 -4.48
CA ASP B 157 -5.67 20.47 -4.71
C ASP B 157 -5.23 21.94 -4.58
N ALA B 158 -4.35 22.28 -3.62
CA ALA B 158 -3.76 23.60 -3.55
C ALA B 158 -2.83 23.84 -4.73
N ALA B 159 -2.04 22.85 -5.14
CA ALA B 159 -1.19 23.04 -6.34
C ALA B 159 -2.03 23.37 -7.58
N MET B 160 -3.17 22.72 -7.72
CA MET B 160 -3.99 22.92 -8.89
C MET B 160 -4.45 24.36 -8.96
N ASP B 161 -4.69 24.95 -7.78
CA ASP B 161 -5.06 26.35 -7.66
C ASP B 161 -3.90 27.28 -7.94
N GLN B 162 -2.72 26.90 -7.47
CA GLN B 162 -1.54 27.73 -7.67
C GLN B 162 -1.10 27.78 -9.15
N LEU B 163 -1.31 26.69 -9.90
CA LEU B 163 -0.86 26.67 -11.29
C LEU B 163 -1.70 27.56 -12.20
N GLN B 164 -1.01 28.36 -13.01
CA GLN B 164 -1.65 29.35 -13.80
C GLN B 164 -1.94 28.88 -15.23
N TYR B 165 -1.23 27.85 -15.73
CA TYR B 165 -1.50 27.31 -17.06
C TYR B 165 -2.42 26.07 -17.07
N PRO B 166 -3.49 26.15 -17.86
CA PRO B 166 -4.35 24.97 -18.07
C PRO B 166 -3.59 23.69 -18.43
N ASP B 167 -2.56 23.81 -19.25
CA ASP B 167 -1.80 22.63 -19.64
C ASP B 167 -1.02 22.04 -18.50
N ASP B 168 -0.57 22.87 -17.58
CA ASP B 168 0.01 22.37 -16.35
C ASP B 168 -1.02 21.68 -15.47
N ARG B 169 -2.23 22.22 -15.43
CA ARG B 169 -3.24 21.66 -14.59
C ARG B 169 -3.65 20.31 -15.15
N LYS B 170 -3.61 20.19 -16.47
CA LYS B 170 -3.93 18.95 -17.13
C LYS B 170 -2.94 17.84 -16.73
N VAL B 171 -1.67 18.20 -16.67
CA VAL B 171 -0.63 17.26 -16.31
C VAL B 171 -0.79 16.85 -14.85
N LEU B 172 -1.14 17.83 -14.01
CA LEU B 172 -1.29 17.55 -12.60
C LEU B 172 -2.50 16.61 -12.45
N ARG B 173 -3.53 16.78 -13.27
CA ARG B 173 -4.67 15.87 -13.18
C ARG B 173 -4.24 14.43 -13.54
N ARG B 174 -3.40 14.23 -14.56
CA ARG B 174 -2.89 12.90 -14.89
C ARG B 174 -2.12 12.30 -13.72
N PHE B 175 -1.23 13.08 -13.15
CA PHE B 175 -0.51 12.71 -11.94
C PHE B 175 -1.40 12.10 -10.84
N VAL B 176 -2.51 12.76 -10.53
CA VAL B 176 -3.31 12.25 -9.39
C VAL B 176 -4.17 11.05 -9.68
N LYS B 177 -4.38 10.75 -10.94
CA LYS B 177 -5.33 9.74 -11.38
C LYS B 177 -4.89 8.32 -11.02
N ARG B 178 -3.59 8.14 -10.84
CA ARG B 178 -3.02 6.88 -10.59
C ARG B 178 -1.91 7.00 -9.58
N PRO B 179 -1.53 5.88 -8.99
CA PRO B 179 -0.47 5.94 -7.95
C PRO B 179 0.84 6.49 -8.50
N VAL B 180 1.62 7.14 -7.65
CA VAL B 180 2.94 7.64 -8.02
C VAL B 180 4.11 7.08 -7.25
N ASP B 181 3.85 6.40 -6.13
CA ASP B 181 4.96 5.78 -5.43
C ASP B 181 5.14 4.46 -6.09
N THR B 182 5.72 4.47 -7.29
CA THR B 182 5.76 3.24 -8.18
C THR B 182 7.15 2.63 -8.25
N LYS B 183 7.28 1.36 -8.60
CA LYS B 183 8.60 0.86 -9.01
C LYS B 183 8.51 0.67 -10.52
N THR B 184 9.66 0.42 -11.14
CA THR B 184 9.82 0.56 -12.53
C THR B 184 10.57 -0.62 -13.05
N VAL B 185 10.03 -1.17 -14.13
CA VAL B 185 10.68 -2.23 -14.90
C VAL B 185 10.90 -1.62 -16.25
N LEU B 186 12.12 -1.75 -16.70
CA LEU B 186 12.60 -1.16 -17.97
C LEU B 186 12.91 -2.22 -18.99
N VAL B 187 12.07 -2.31 -20.03
CA VAL B 187 12.23 -3.26 -21.16
C VAL B 187 12.83 -2.60 -22.36
N VAL B 188 13.96 -3.12 -22.79
CA VAL B 188 14.76 -2.44 -23.77
C VAL B 188 14.91 -3.43 -24.94
N ARG B 189 14.67 -2.94 -26.15
CA ARG B 189 14.97 -3.70 -27.35
C ARG B 189 16.45 -3.42 -27.69
N HIS B 190 17.21 -4.47 -28.00
CA HIS B 190 18.64 -4.35 -28.21
C HIS B 190 18.90 -3.39 -29.35
N GLY B 191 20.08 -2.82 -29.39
CA GLY B 191 20.47 -1.80 -30.37
C GLY B 191 20.74 -2.41 -31.72
N THR B 192 21.05 -1.57 -32.69
CA THR B 192 21.23 -2.03 -34.03
C THR B 192 22.41 -3.00 -34.05
N ALA B 193 22.25 -4.07 -34.83
CA ALA B 193 23.24 -5.15 -34.86
C ALA B 193 23.36 -5.86 -36.21
N GLY B 194 23.24 -5.10 -37.29
CA GLY B 194 23.50 -5.61 -38.64
C GLY B 194 22.37 -6.49 -39.17
N ARG B 195 22.71 -7.45 -40.04
CA ARG B 195 21.72 -8.30 -40.76
C ARG B 195 21.59 -9.71 -40.12
N ARG B 196 20.38 -10.29 -40.20
CA ARG B 196 20.17 -11.68 -39.80
C ARG B 196 20.92 -12.57 -40.79
N SER B 197 21.54 -13.65 -40.32
CA SER B 197 22.30 -14.55 -41.22
C SER B 197 21.40 -15.71 -41.65
N ARG B 198 21.88 -16.46 -42.66
CA ARG B 198 21.24 -17.73 -43.10
C ARG B 198 21.35 -18.90 -42.11
N TYR B 199 22.19 -18.80 -41.10
CA TYR B 199 22.50 -19.95 -40.24
C TYR B 199 21.45 -20.06 -39.12
N LYS B 200 20.94 -21.28 -38.95
CA LYS B 200 20.12 -21.67 -37.78
C LYS B 200 20.61 -21.09 -36.47
N GLY B 201 19.66 -20.85 -35.56
CA GLY B 201 19.98 -20.45 -34.23
C GLY B 201 19.84 -19.01 -33.83
N ASP B 202 19.36 -18.13 -34.75
CA ASP B 202 19.03 -16.72 -34.45
C ASP B 202 20.28 -15.89 -34.06
N ASP B 203 21.43 -16.21 -34.68
CA ASP B 203 22.66 -15.43 -34.57
C ASP B 203 23.07 -15.07 -33.17
N ARG B 204 23.18 -16.09 -32.35
CA ARG B 204 23.42 -15.94 -30.95
C ARG B 204 24.56 -15.00 -30.69
N LYS B 205 25.61 -15.05 -31.54
CA LYS B 205 26.82 -14.29 -31.25
C LYS B 205 26.87 -12.97 -32.05
N ARG B 206 25.89 -12.67 -32.90
CA ARG B 206 25.96 -11.44 -33.69
C ARG B 206 26.02 -10.18 -32.76
N PRO B 207 26.98 -9.27 -33.02
CA PRO B 207 27.22 -8.14 -32.12
C PRO B 207 26.49 -6.89 -32.51
N LEU B 208 26.38 -5.93 -31.59
CA LEU B 208 25.99 -4.56 -31.97
C LEU B 208 26.90 -4.01 -33.03
N ASP B 209 26.34 -3.21 -33.89
CA ASP B 209 27.17 -2.55 -34.86
C ASP B 209 27.49 -1.19 -34.26
N LYS B 210 28.08 -0.33 -35.06
CA LYS B 210 28.60 0.88 -34.48
C LYS B 210 27.48 1.81 -33.97
N ARG B 211 26.40 1.93 -34.72
CA ARG B 211 25.26 2.75 -34.32
C ARG B 211 24.73 2.17 -33.01
N GLY B 212 24.71 0.83 -32.94
CA GLY B 212 24.21 0.14 -31.75
C GLY B 212 25.05 0.33 -30.51
N ARG B 213 26.38 0.37 -30.67
CA ARG B 213 27.24 0.54 -29.51
C ARG B 213 27.01 1.95 -28.91
N ALA B 214 26.83 2.93 -29.77
CA ALA B 214 26.45 4.30 -29.41
C ALA B 214 25.05 4.34 -28.70
N GLN B 215 24.09 3.56 -29.19
CA GLN B 215 22.74 3.53 -28.57
C GLN B 215 22.92 2.99 -27.10
N ALA B 216 23.74 1.94 -26.94
CA ALA B 216 24.03 1.32 -25.66
C ALA B 216 24.63 2.36 -24.73
N GLU B 217 25.60 3.14 -25.25
CA GLU B 217 26.21 4.20 -24.40
C GLU B 217 25.20 5.27 -24.01
N ALA B 218 24.41 5.71 -24.98
CA ALA B 218 23.35 6.72 -24.74
C ALA B 218 22.24 6.21 -23.79
N LEU B 219 22.04 4.89 -23.80
CA LEU B 219 21.02 4.33 -22.88
C LEU B 219 21.40 4.51 -21.44
N VAL B 220 22.69 4.66 -21.12
CA VAL B 220 23.03 4.61 -19.68
C VAL B 220 22.35 5.72 -18.88
N ALA B 221 22.51 6.96 -19.34
CA ALA B 221 21.94 8.14 -18.66
C ALA B 221 20.40 8.04 -18.54
N GLN B 222 19.82 7.64 -19.64
CA GLN B 222 18.36 7.53 -19.76
C GLN B 222 17.84 6.52 -18.76
N LEU B 223 18.45 5.34 -18.73
CA LEU B 223 17.96 4.33 -17.80
C LEU B 223 18.27 4.67 -16.37
N MET B 224 19.37 5.40 -16.13
CA MET B 224 19.69 5.83 -14.73
C MET B 224 18.69 6.87 -14.20
N ALA B 225 18.07 7.60 -15.08
CA ALA B 225 17.06 8.61 -14.69
C ALA B 225 15.83 7.98 -14.01
N PHE B 226 15.63 6.67 -14.20
CA PHE B 226 14.51 5.93 -13.63
C PHE B 226 15.00 5.05 -12.46
N GLY B 227 16.24 5.21 -12.01
CA GLY B 227 16.72 4.46 -10.91
C GLY B 227 16.90 2.98 -11.21
N ALA B 228 17.31 2.64 -12.44
CA ALA B 228 17.67 1.26 -12.73
C ALA B 228 18.72 0.80 -11.72
N THR B 229 18.43 -0.35 -11.05
CA THR B 229 19.35 -1.01 -10.11
C THR B 229 19.85 -2.41 -10.49
N THR B 230 19.08 -3.20 -11.26
CA THR B 230 19.49 -4.61 -11.55
C THR B 230 19.28 -4.90 -13.06
N LEU B 231 20.03 -5.86 -13.59
CA LEU B 231 20.18 -6.02 -15.02
C LEU B 231 19.94 -7.47 -15.47
N TYR B 232 19.22 -7.64 -16.59
CA TYR B 232 18.79 -8.94 -17.10
C TYR B 232 18.84 -8.81 -18.61
N ALA B 233 19.33 -9.81 -19.29
CA ALA B 233 19.34 -9.81 -20.76
C ALA B 233 19.03 -11.20 -21.28
N ALA B 234 18.21 -11.25 -22.30
CA ALA B 234 18.03 -12.46 -23.05
C ALA B 234 19.36 -12.99 -23.61
N ASP B 235 19.37 -14.29 -23.88
CA ASP B 235 20.57 -15.05 -24.23
C ASP B 235 21.01 -14.86 -25.66
N ARG B 236 21.33 -13.63 -25.95
CA ARG B 236 21.87 -13.29 -27.24
C ARG B 236 22.92 -12.26 -26.90
N VAL B 237 24.05 -12.34 -27.60
CA VAL B 237 25.11 -11.34 -27.38
C VAL B 237 24.61 -9.89 -27.55
N ARG B 238 23.82 -9.64 -28.58
CA ARG B 238 23.42 -8.27 -28.88
C ARG B 238 22.56 -7.66 -27.74
N CYS B 239 21.85 -8.49 -26.99
CA CYS B 239 21.07 -8.05 -25.82
C CYS B 239 21.96 -7.68 -24.63
N HIS B 240 22.91 -8.56 -24.27
CA HIS B 240 23.92 -8.19 -23.26
C HIS B 240 24.69 -6.98 -23.62
N GLN B 241 25.15 -6.87 -24.85
CA GLN B 241 25.95 -5.76 -25.17
C GLN B 241 25.22 -4.43 -25.06
N THR B 242 23.91 -4.47 -25.24
CA THR B 242 23.14 -3.23 -25.26
C THR B 242 23.14 -2.57 -23.88
N ILE B 243 23.27 -3.41 -22.84
CA ILE B 243 23.24 -2.97 -21.46
C ILE B 243 24.60 -3.10 -20.70
N GLU B 244 25.61 -3.60 -21.39
CA GLU B 244 26.97 -3.60 -20.87
C GLU B 244 27.45 -2.21 -20.47
N PRO B 245 27.22 -1.17 -21.29
CA PRO B 245 27.62 0.11 -20.68
C PRO B 245 26.93 0.47 -19.34
N LEU B 246 25.63 0.18 -19.20
CA LEU B 246 24.94 0.36 -17.94
C LEU B 246 25.59 -0.49 -16.90
N ALA B 247 25.95 -1.75 -17.23
CA ALA B 247 26.56 -2.62 -16.21
C ALA B 247 27.89 -2.02 -15.72
N GLN B 248 28.60 -1.38 -16.64
CA GLN B 248 29.88 -0.80 -16.29
C GLN B 248 29.67 0.37 -15.34
N GLU B 249 28.69 1.21 -15.65
CA GLU B 249 28.25 2.33 -14.76
C GLU B 249 27.91 1.84 -13.36
N LEU B 250 27.07 0.82 -13.28
CA LEU B 250 26.61 0.34 -12.03
C LEU B 250 27.58 -0.69 -11.43
N ASP B 251 28.61 -1.09 -12.18
CA ASP B 251 29.46 -2.19 -11.73
C ASP B 251 28.60 -3.38 -11.27
N GLN B 252 27.69 -3.84 -12.13
CA GLN B 252 26.88 -5.02 -11.84
C GLN B 252 26.90 -6.08 -12.93
N LEU B 253 26.68 -7.31 -12.50
CA LEU B 253 26.55 -8.40 -13.41
C LEU B 253 25.18 -8.33 -14.11
N ILE B 254 25.08 -8.97 -15.26
CA ILE B 254 23.83 -9.05 -15.97
C ILE B 254 23.35 -10.46 -15.92
N HIS B 255 22.13 -10.65 -15.53
CA HIS B 255 21.61 -11.98 -15.42
CA HIS B 255 21.57 -11.97 -15.42
C HIS B 255 21.09 -12.43 -16.79
N ASN B 256 21.51 -13.61 -17.22
CA ASN B 256 21.14 -14.16 -18.51
C ASN B 256 19.79 -14.81 -18.46
N GLU B 257 18.99 -14.65 -19.52
CA GLU B 257 17.59 -15.04 -19.50
C GLU B 257 17.23 -15.81 -20.76
N PRO B 258 17.51 -17.12 -20.77
CA PRO B 258 17.22 -17.85 -22.01
C PRO B 258 15.73 -17.99 -22.29
N LEU B 259 14.88 -17.82 -21.28
CA LEU B 259 13.41 -17.84 -21.51
C LEU B 259 12.86 -16.63 -22.32
N LEU B 260 13.67 -15.59 -22.55
CA LEU B 260 13.19 -14.35 -23.20
C LEU B 260 13.83 -14.12 -24.52
N THR B 261 14.39 -15.18 -25.07
CA THR B 261 14.75 -15.13 -26.47
C THR B 261 13.45 -15.30 -27.29
N GLU B 262 13.53 -14.93 -28.55
CA GLU B 262 12.43 -15.07 -29.49
C GLU B 262 12.06 -16.53 -29.70
N GLU B 263 13.10 -17.38 -29.70
CA GLU B 263 12.96 -18.83 -29.75
C GLU B 263 12.20 -19.41 -28.60
N ALA B 264 12.67 -19.15 -27.37
CA ALA B 264 11.97 -19.60 -26.18
C ALA B 264 10.56 -19.01 -26.02
N TYR B 265 10.39 -17.74 -26.39
CA TYR B 265 9.11 -17.11 -26.24
C TYR B 265 8.10 -17.80 -27.18
N ALA B 266 8.54 -18.14 -28.38
CA ALA B 266 7.65 -18.89 -29.29
C ALA B 266 7.32 -20.31 -28.78
N ALA B 267 8.30 -21.00 -28.22
CA ALA B 267 8.07 -22.34 -27.73
C ALA B 267 7.25 -22.36 -26.46
N ASP B 268 7.33 -21.31 -25.66
CA ASP B 268 6.67 -21.33 -24.36
C ASP B 268 6.46 -19.87 -23.94
N HIS B 269 5.38 -19.29 -24.44
CA HIS B 269 5.08 -17.88 -24.19
C HIS B 269 4.66 -17.66 -22.76
N LYS B 270 4.11 -18.70 -22.13
CA LYS B 270 3.66 -18.65 -20.74
C LYS B 270 4.80 -18.70 -19.72
N ALA B 271 5.86 -19.42 -20.04
CA ALA B 271 7.07 -19.34 -19.22
C ALA B 271 7.69 -17.93 -19.36
N ALA B 272 7.61 -17.29 -20.52
CA ALA B 272 8.18 -15.96 -20.63
C ALA B 272 7.38 -14.99 -19.75
N ARG B 273 6.06 -15.10 -19.78
CA ARG B 273 5.24 -14.19 -19.04
C ARG B 273 5.56 -14.35 -17.60
N LYS B 274 5.61 -15.60 -17.12
CA LYS B 274 5.90 -15.88 -15.73
C LYS B 274 7.21 -15.29 -15.30
N ARG B 275 8.27 -15.54 -16.07
CA ARG B 275 9.57 -15.07 -15.71
C ARG B 275 9.54 -13.54 -15.52
N LEU B 276 8.92 -12.84 -16.46
CA LEU B 276 8.84 -11.37 -16.45
C LEU B 276 8.20 -10.90 -15.17
N LEU B 277 7.09 -11.50 -14.79
CA LEU B 277 6.50 -11.19 -13.48
C LEU B 277 7.39 -11.55 -12.25
N GLU B 278 8.15 -12.63 -12.33
N GLU B 278 8.17 -12.62 -12.31
CA GLU B 278 9.12 -12.99 -11.32
CA GLU B 278 9.14 -12.95 -11.27
C GLU B 278 10.20 -11.90 -11.14
C GLU B 278 10.17 -11.84 -11.14
N ILE B 279 10.78 -11.47 -12.27
CA ILE B 279 11.79 -10.42 -12.28
C ILE B 279 11.20 -9.11 -11.73
N ALA B 280 10.01 -8.73 -12.20
CA ALA B 280 9.32 -7.52 -11.75
C ALA B 280 8.98 -7.56 -10.28
N GLY B 281 8.78 -8.75 -9.75
CA GLY B 281 8.43 -8.91 -8.34
C GLY B 281 9.59 -8.70 -7.37
N ARG B 282 10.82 -8.75 -7.86
CA ARG B 282 11.99 -8.65 -7.00
C ARG B 282 12.26 -7.19 -6.61
N PRO B 283 13.04 -6.99 -5.54
CA PRO B 283 13.34 -5.65 -5.16
C PRO B 283 14.25 -5.05 -6.20
N GLY B 284 14.04 -3.75 -6.45
CA GLY B 284 14.85 -2.96 -7.37
C GLY B 284 14.06 -2.60 -8.60
N ASN B 285 14.71 -1.88 -9.50
CA ASN B 285 14.11 -1.53 -10.73
C ASN B 285 14.92 -2.22 -11.80
N PRO B 286 14.30 -3.21 -12.46
CA PRO B 286 15.13 -4.00 -13.32
C PRO B 286 15.15 -3.51 -14.76
N VAL B 287 16.24 -3.74 -15.39
CA VAL B 287 16.32 -3.58 -16.87
C VAL B 287 16.32 -4.96 -17.44
N ILE B 288 15.49 -5.14 -18.47
CA ILE B 288 15.43 -6.38 -19.24
C ILE B 288 15.62 -6.04 -20.71
N CYS B 289 16.71 -6.51 -21.28
CA CYS B 289 17.00 -6.30 -22.70
C CYS B 289 16.62 -7.59 -23.41
N THR B 290 15.81 -7.45 -24.46
CA THR B 290 15.28 -8.62 -25.17
C THR B 290 15.10 -8.23 -26.60
N GLN B 291 14.31 -9.01 -27.29
CA GLN B 291 14.25 -8.89 -28.76
C GLN B 291 12.90 -8.43 -29.23
N GLY B 292 12.88 -8.04 -30.52
CA GLY B 292 11.72 -7.45 -31.18
C GLY B 292 10.44 -8.24 -31.16
N LYS B 293 10.55 -9.55 -31.36
CA LYS B 293 9.36 -10.37 -31.47
C LYS B 293 8.78 -10.62 -30.12
N VAL B 294 9.59 -10.49 -29.07
CA VAL B 294 9.14 -10.74 -27.73
C VAL B 294 8.33 -9.61 -27.09
N ILE B 295 8.80 -8.39 -27.25
CA ILE B 295 8.35 -7.25 -26.53
C ILE B 295 6.88 -6.88 -26.81
N PRO B 296 6.46 -6.75 -28.07
CA PRO B 296 5.05 -6.33 -28.12
C PRO B 296 4.13 -7.43 -27.49
N GLY B 297 4.48 -8.68 -27.72
CA GLY B 297 3.83 -9.84 -27.07
C GLY B 297 3.55 -9.68 -25.61
N LEU B 298 4.60 -9.44 -24.82
CA LEU B 298 4.47 -9.30 -23.38
C LEU B 298 3.83 -7.99 -23.00
N ILE B 299 4.27 -6.89 -23.62
CA ILE B 299 3.67 -5.58 -23.31
C ILE B 299 2.16 -5.54 -23.56
N GLU B 300 1.73 -5.98 -24.72
CA GLU B 300 0.30 -5.93 -25.03
C GLU B 300 -0.48 -6.81 -24.11
N TRP B 301 0.11 -7.94 -23.78
CA TRP B 301 -0.51 -8.85 -22.84
C TRP B 301 -0.66 -8.23 -21.47
N TRP B 302 0.42 -7.66 -20.96
CA TRP B 302 0.37 -7.03 -19.65
C TRP B 302 -0.53 -5.79 -19.69
N CYS B 303 -0.48 -4.97 -20.74
CA CYS B 303 -1.39 -3.81 -20.76
C CYS B 303 -2.85 -4.23 -20.83
N GLU B 304 -3.08 -5.32 -21.54
CA GLU B 304 -4.46 -5.73 -21.78
C GLU B 304 -5.05 -6.21 -20.44
N ARG B 305 -4.29 -7.00 -19.71
CA ARG B 305 -4.74 -7.55 -18.43
C ARG B 305 -4.84 -6.54 -17.27
N ALA B 306 -4.04 -5.47 -17.34
CA ALA B 306 -4.07 -4.44 -16.30
C ALA B 306 -4.94 -3.27 -16.69
N LYS B 307 -5.45 -3.25 -17.94
CA LYS B 307 -6.19 -2.12 -18.52
C LYS B 307 -5.41 -0.80 -18.51
N VAL B 308 -4.25 -0.82 -19.18
CA VAL B 308 -3.29 0.25 -19.07
C VAL B 308 -3.19 0.64 -20.52
N ARG B 309 -3.41 1.92 -20.76
CA ARG B 309 -3.31 2.47 -22.09
C ARG B 309 -1.88 3.03 -22.28
N PRO B 310 -1.15 2.56 -23.30
CA PRO B 310 0.13 3.18 -23.65
C PRO B 310 -0.16 4.40 -24.50
N GLU B 311 0.35 5.56 -24.13
CA GLU B 311 0.04 6.76 -24.87
C GLU B 311 0.78 6.75 -26.23
N THR B 312 1.96 6.14 -26.24
CA THR B 312 2.70 5.98 -27.48
C THR B 312 3.11 4.52 -27.66
N THR B 313 3.48 4.19 -28.90
CA THR B 313 3.86 2.85 -29.21
C THR B 313 4.89 2.76 -30.29
N GLY B 314 5.68 1.71 -30.15
CA GLY B 314 6.77 1.42 -31.08
C GLY B 314 7.52 0.19 -30.60
N ASN B 315 8.54 -0.15 -31.34
CA ASN B 315 9.39 -1.28 -31.09
C ASN B 315 10.71 -1.18 -31.84
N ARG B 316 11.31 0.02 -31.90
CA ARG B 316 12.59 0.19 -32.59
C ARG B 316 13.77 -0.36 -31.79
N LYS B 317 14.82 -0.75 -32.49
CA LYS B 317 16.04 -1.17 -31.85
C LYS B 317 16.56 -0.02 -30.98
N GLY B 318 16.81 -0.33 -29.72
CA GLY B 318 17.32 0.67 -28.80
C GLY B 318 16.24 1.43 -28.05
N SER B 319 14.98 1.10 -28.31
CA SER B 319 13.89 1.76 -27.62
C SER B 319 13.70 1.14 -26.23
N THR B 320 12.92 1.83 -25.43
CA THR B 320 12.68 1.44 -24.05
C THR B 320 11.20 1.49 -23.70
N TRP B 321 10.70 0.48 -23.00
CA TRP B 321 9.37 0.52 -22.41
C TRP B 321 9.51 0.68 -20.92
N VAL B 322 8.99 1.82 -20.41
CA VAL B 322 8.93 2.10 -18.97
C VAL B 322 7.63 1.60 -18.40
N LEU B 323 7.73 0.57 -17.56
CA LEU B 323 6.59 -0.08 -16.99
C LEU B 323 6.53 0.30 -15.51
N SER B 324 5.45 0.96 -15.10
CA SER B 324 5.35 1.41 -13.76
C SER B 324 4.39 0.45 -12.99
N LEU B 325 4.80 0.07 -11.81
CA LEU B 325 4.04 -0.85 -10.96
C LEU B 325 3.76 -0.25 -9.58
N SER B 326 2.55 -0.50 -9.12
CA SER B 326 2.19 -0.16 -7.72
C SER B 326 1.60 -1.38 -7.02
N ASP B 327 2.14 -1.82 -5.88
CA ASP B 327 1.75 -3.09 -5.20
C ASP B 327 1.60 -4.23 -6.16
N GLY B 328 2.57 -4.37 -7.06
CA GLY B 328 2.58 -5.43 -8.04
C GLY B 328 1.66 -5.35 -9.25
N GLU B 329 0.93 -4.25 -9.41
CA GLU B 329 0.04 -4.07 -10.57
C GLU B 329 0.67 -3.03 -11.50
N LEU B 330 0.60 -3.29 -12.80
CA LEU B 330 0.98 -2.33 -13.83
C LEU B 330 0.05 -1.11 -13.83
N VAL B 331 0.63 0.09 -13.84
CA VAL B 331 -0.16 1.30 -13.93
C VAL B 331 0.32 2.30 -14.97
N GLY B 332 1.33 1.92 -15.75
CA GLY B 332 1.80 2.72 -16.82
C GLY B 332 2.72 1.94 -17.72
N ALA B 333 2.70 2.29 -19.00
CA ALA B 333 3.52 1.57 -19.96
C ALA B 333 3.94 2.63 -20.95
N ASP B 334 5.19 3.11 -20.84
CA ASP B 334 5.61 4.36 -21.55
C ASP B 334 6.76 4.02 -22.50
N TYR B 335 6.48 4.16 -23.79
CA TYR B 335 7.44 3.87 -24.81
C TYR B 335 8.31 5.10 -25.15
N LEU B 336 9.63 4.90 -25.13
CA LEU B 336 10.61 5.95 -25.37
C LEU B 336 11.37 5.51 -26.60
N SER B 337 11.58 6.47 -27.49
CA SER B 337 12.28 6.21 -28.76
C SER B 337 13.72 5.82 -28.47
N PRO B 338 14.38 5.19 -29.43
CA PRO B 338 15.84 5.05 -29.34
C PRO B 338 16.49 6.42 -29.11
N PRO B 339 17.57 6.44 -28.33
CA PRO B 339 18.16 7.68 -27.85
C PRO B 339 18.78 8.46 -28.95
N ASP B 340 19.09 7.83 -30.08
CA ASP B 340 19.58 8.58 -31.24
C ASP B 340 18.47 8.97 -32.26
N GLU B 341 17.20 8.67 -31.96
CA GLU B 341 16.11 9.03 -32.87
C GLU B 341 15.61 10.44 -32.55
#